data_8QZN
#
_entry.id   8QZN
#
_cell.length_a   50.850
_cell.length_b   93.610
_cell.length_c   76.840
_cell.angle_alpha   90.000
_cell.angle_beta   90.000
_cell.angle_gamma   90.000
#
_symmetry.space_group_name_H-M   'P 21 21 21'
#
loop_
_entity.id
_entity.type
_entity.pdbx_description
1 polymer 'DARPin-Armadillo fusion protein with Tyrosin pocket and linked target peptide'
2 non-polymer 1,2-ETHANEDIOL
3 non-polymer 'SULFATE ION'
4 water water
#
_entity_poly.entity_id   1
_entity_poly.type   'polypeptide(L)'
_entity_poly.pdbx_seq_one_letter_code
;GPGSDLGKKLLEAARAGQDDEVRILLANGADVNTADETGFTPLHLAAWEGHLGIVEVLLKNGADVNANDERGHTPLHLAA
YTGHLEIVEVLLKNGAGVNATDVIGTAPLHLAAMWGHLEIVEVLLKNGADAHARDKFGKTPKDLAEDNGNEDVARLAELA
EYAHKASGSQDDIQKLIRDGALPELVRELSSPNESHLQMALWALSNIASGGNEQIQAVIDAGALPALVQLLSSPNEQILK
EALEALVNIASGGNEQIQAVIDAGALPALVQLLSSPNELILIRALQALSNIASGGNEQKQAVKEAGALEKLEQLQSHENE
KIQKEAQEALEKLQSHGGSGGKAKYKA
;
_entity_poly.pdbx_strand_id   A
#
# COMPACT_ATOMS: atom_id res chain seq x y z
N GLY A 1 -11.84 38.34 24.22
CA GLY A 1 -11.08 39.60 24.36
C GLY A 1 -9.93 39.68 23.38
N PRO A 2 -9.04 38.68 23.41
CA PRO A 2 -7.93 38.66 22.46
C PRO A 2 -8.47 38.38 21.07
N GLY A 3 -7.64 38.61 20.08
CA GLY A 3 -8.04 38.26 18.73
C GLY A 3 -8.97 39.27 18.08
N SER A 4 -8.89 39.36 16.76
CA SER A 4 -9.59 40.39 16.02
C SER A 4 -10.95 39.89 15.55
N ASP A 5 -11.84 40.84 15.27
CA ASP A 5 -13.12 40.48 14.67
C ASP A 5 -12.95 39.98 13.25
N LEU A 6 -11.95 40.50 12.52
CA LEU A 6 -11.69 39.98 11.18
C LEU A 6 -11.36 38.50 11.24
N GLY A 7 -10.52 38.10 12.20
CA GLY A 7 -10.23 36.69 12.35
C GLY A 7 -11.45 35.88 12.76
N LYS A 8 -12.27 36.45 13.64
N LYS A 8 -12.26 36.44 13.67
CA LYS A 8 -13.48 35.77 14.10
CA LYS A 8 -13.48 35.76 14.08
C LYS A 8 -14.45 35.56 12.94
C LYS A 8 -14.40 35.52 12.89
N LYS A 9 -14.55 36.53 12.03
CA LYS A 9 -15.42 36.37 10.87
C LYS A 9 -14.89 35.29 9.92
N LEU A 10 -13.57 35.17 9.80
CA LEU A 10 -13.04 34.12 8.93
C LEU A 10 -13.34 32.75 9.51
N LEU A 11 -13.14 32.58 10.82
CA LEU A 11 -13.48 31.32 11.47
C LEU A 11 -14.94 30.96 11.23
N GLU A 12 -15.84 31.94 11.37
N GLU A 12 -15.85 31.94 11.39
CA GLU A 12 -17.27 31.67 11.22
CA GLU A 12 -17.27 31.66 11.22
C GLU A 12 -17.63 31.35 9.78
C GLU A 12 -17.60 31.33 9.78
N ALA A 13 -17.02 32.05 8.82
CA ALA A 13 -17.30 31.76 7.41
C ALA A 13 -16.80 30.37 7.02
N ALA A 14 -15.64 29.97 7.54
CA ALA A 14 -15.13 28.63 7.29
C ALA A 14 -16.04 27.57 7.89
N ARG A 15 -16.48 27.78 9.13
CA ARG A 15 -17.39 26.84 9.77
C ARG A 15 -18.68 26.71 9.00
N ALA A 16 -19.25 27.85 8.59
CA ALA A 16 -20.57 27.88 7.98
C ALA A 16 -20.56 27.44 6.51
N GLY A 17 -19.40 27.28 5.91
CA GLY A 17 -19.34 26.90 4.51
C GLY A 17 -19.61 28.04 3.55
N GLN A 18 -19.31 29.27 3.94
N GLN A 18 -19.31 29.27 3.94
CA GLN A 18 -19.56 30.44 3.12
CA GLN A 18 -19.56 30.44 3.12
C GLN A 18 -18.34 30.71 2.26
C GLN A 18 -18.34 30.71 2.26
N ASP A 19 -18.30 30.06 1.08
CA ASP A 19 -17.10 30.08 0.24
C ASP A 19 -16.72 31.50 -0.19
N ASP A 20 -17.67 32.27 -0.70
N ASP A 20 -17.67 32.27 -0.70
CA ASP A 20 -17.33 33.61 -1.17
CA ASP A 20 -17.35 33.62 -1.18
C ASP A 20 -16.91 34.52 -0.03
C ASP A 20 -16.91 34.52 -0.03
N GLU A 21 -17.53 34.36 1.15
CA GLU A 21 -17.13 35.17 2.30
C GLU A 21 -15.70 34.86 2.71
N VAL A 22 -15.33 33.58 2.71
CA VAL A 22 -13.95 33.22 3.01
C VAL A 22 -13.00 33.91 2.05
N ARG A 23 -13.33 33.89 0.75
N ARG A 23 -13.33 33.91 0.75
N ARG A 23 -13.31 33.86 0.76
CA ARG A 23 -12.46 34.52 -0.23
CA ARG A 23 -12.44 34.52 -0.23
CA ARG A 23 -12.50 34.53 -0.25
C ARG A 23 -12.37 36.03 0.00
C ARG A 23 -12.38 36.03 -0.04
C ARG A 23 -12.37 36.01 0.05
N ILE A 24 -13.49 36.67 0.31
CA ILE A 24 -13.48 38.11 0.53
C ILE A 24 -12.67 38.45 1.77
N LEU A 25 -12.83 37.68 2.85
CA LEU A 25 -12.12 37.99 4.08
C LEU A 25 -10.62 37.79 3.89
N LEU A 26 -10.22 36.73 3.20
CA LEU A 26 -8.79 36.54 2.91
C LEU A 26 -8.24 37.66 2.05
N ALA A 27 -9.01 38.09 1.04
CA ALA A 27 -8.57 39.19 0.19
C ALA A 27 -8.37 40.47 1.00
N ASN A 28 -9.08 40.60 2.11
CA ASN A 28 -8.97 41.75 3.00
C ASN A 28 -7.97 41.53 4.12
N GLY A 29 -7.10 40.55 3.98
CA GLY A 29 -6.01 40.38 4.93
C GLY A 29 -6.31 39.56 6.15
N ALA A 30 -7.44 38.87 6.20
CA ALA A 30 -7.71 37.98 7.32
C ALA A 30 -6.63 36.91 7.40
N ASP A 31 -6.12 36.66 8.61
CA ASP A 31 -5.03 35.72 8.80
C ASP A 31 -5.55 34.31 8.56
N VAL A 32 -5.03 33.64 7.52
CA VAL A 32 -5.47 32.29 7.19
C VAL A 32 -5.26 31.34 8.35
N ASN A 33 -4.29 31.63 9.22
CA ASN A 33 -3.99 30.78 10.37
C ASN A 33 -4.53 31.35 11.68
N THR A 34 -5.55 32.21 11.62
CA THR A 34 -6.22 32.66 12.82
C THR A 34 -6.56 31.47 13.70
N ALA A 35 -6.29 31.60 14.98
CA ALA A 35 -6.60 30.55 15.95
C ALA A 35 -7.28 31.19 17.14
N ASP A 36 -8.41 30.62 17.55
CA ASP A 36 -9.09 31.05 18.76
C ASP A 36 -8.28 30.60 19.97
N GLU A 37 -8.84 30.81 21.17
CA GLU A 37 -8.11 30.48 22.39
C GLU A 37 -7.82 28.99 22.51
N THR A 38 -8.52 28.16 21.73
CA THR A 38 -8.35 26.71 21.78
C THR A 38 -7.44 26.19 20.67
N GLY A 39 -6.84 27.08 19.89
CA GLY A 39 -5.98 26.66 18.79
C GLY A 39 -6.72 26.17 17.57
N PHE A 40 -8.03 26.33 17.51
CA PHE A 40 -8.82 25.86 16.38
C PHE A 40 -8.70 26.88 15.26
N THR A 41 -8.33 26.42 14.07
CA THR A 41 -8.11 27.28 12.91
C THR A 41 -9.24 27.13 11.89
N PRO A 42 -9.33 28.05 10.92
CA PRO A 42 -10.32 27.87 9.84
C PRO A 42 -10.24 26.50 9.18
N LEU A 43 -9.03 25.97 9.01
CA LEU A 43 -8.86 24.66 8.37
C LEU A 43 -9.41 23.54 9.24
N HIS A 44 -9.23 23.63 10.56
CA HIS A 44 -9.88 22.66 11.44
C HIS A 44 -11.38 22.67 11.24
N LEU A 45 -11.98 23.88 11.24
CA LEU A 45 -13.43 23.99 11.14
C LEU A 45 -13.93 23.44 9.82
N ALA A 46 -13.28 23.81 8.72
CA ALA A 46 -13.72 23.36 7.41
C ALA A 46 -13.60 21.84 7.27
N ALA A 47 -12.55 21.26 7.87
CA ALA A 47 -12.38 19.81 7.82
C ALA A 47 -13.47 19.10 8.63
N TRP A 48 -13.76 19.62 9.83
CA TRP A 48 -14.80 19.02 10.67
C TRP A 48 -16.17 19.09 10.01
N GLU A 49 -16.48 20.22 9.38
CA GLU A 49 -17.79 20.42 8.80
C GLU A 49 -17.89 19.90 7.37
N GLY A 50 -16.79 19.45 6.78
CA GLY A 50 -16.84 18.84 5.47
C GLY A 50 -16.88 19.79 4.30
N HIS A 51 -16.33 20.99 4.44
CA HIS A 51 -16.37 21.99 3.36
C HIS A 51 -15.11 21.88 2.53
N LEU A 52 -15.18 21.07 1.46
CA LEU A 52 -14.00 20.76 0.67
C LEU A 52 -13.46 21.99 -0.05
N GLY A 53 -14.35 22.76 -0.70
CA GLY A 53 -13.89 23.96 -1.39
C GLY A 53 -13.13 24.89 -0.47
N ILE A 54 -13.66 25.10 0.75
CA ILE A 54 -13.00 26.00 1.68
C ILE A 54 -11.65 25.44 2.13
N VAL A 55 -11.58 24.12 2.38
CA VAL A 55 -10.29 23.49 2.69
C VAL A 55 -9.28 23.85 1.60
N GLU A 56 -9.69 23.71 0.34
CA GLU A 56 -8.77 23.96 -0.76
C GLU A 56 -8.35 25.42 -0.82
N VAL A 57 -9.30 26.33 -0.62
CA VAL A 57 -8.98 27.76 -0.68
C VAL A 57 -8.05 28.15 0.46
N LEU A 58 -8.31 27.63 1.66
CA LEU A 58 -7.44 27.96 2.79
C LEU A 58 -6.02 27.49 2.53
N LEU A 59 -5.87 26.26 2.02
CA LEU A 59 -4.53 25.74 1.75
C LEU A 59 -3.85 26.57 0.66
N LYS A 60 -4.59 26.97 -0.37
CA LYS A 60 -4.01 27.79 -1.42
C LYS A 60 -3.51 29.12 -0.87
N ASN A 61 -4.16 29.63 0.17
CA ASN A 61 -3.78 30.90 0.79
C ASN A 61 -2.79 30.72 1.95
N GLY A 62 -2.19 29.55 2.09
CA GLY A 62 -1.12 29.35 3.04
C GLY A 62 -1.50 28.78 4.39
N ALA A 63 -2.68 28.20 4.54
CA ALA A 63 -3.07 27.64 5.82
C ALA A 63 -2.08 26.57 6.25
N ASP A 64 -1.78 26.53 7.55
CA ASP A 64 -0.89 25.52 8.11
C ASP A 64 -1.62 24.18 8.15
N VAL A 65 -1.25 23.27 7.25
CA VAL A 65 -1.94 22.00 7.14
C VAL A 65 -1.76 21.15 8.39
N ASN A 66 -0.72 21.41 9.18
CA ASN A 66 -0.42 20.61 10.36
C ASN A 66 -0.69 21.35 11.66
N ALA A 67 -1.52 22.38 11.64
CA ALA A 67 -1.83 23.12 12.85
C ALA A 67 -2.44 22.20 13.88
N ASN A 68 -1.97 22.33 15.13
N ASN A 68 -2.01 22.33 15.14
CA ASN A 68 -2.47 21.58 16.27
CA ASN A 68 -2.52 21.51 16.23
C ASN A 68 -3.38 22.48 17.10
C ASN A 68 -3.28 22.36 17.24
N ASP A 69 -4.50 21.94 17.57
CA ASP A 69 -5.31 22.64 18.54
C ASP A 69 -4.84 22.26 19.95
N GLU A 70 -5.57 22.72 20.97
CA GLU A 70 -5.11 22.58 22.35
C GLU A 70 -5.11 21.14 22.84
N ARG A 71 -5.78 20.23 22.15
N ARG A 71 -5.77 20.23 22.13
CA ARG A 71 -5.72 18.81 22.48
CA ARG A 71 -5.76 18.81 22.45
C ARG A 71 -4.89 18.01 21.46
C ARG A 71 -4.84 18.03 21.52
N GLY A 72 -4.11 18.70 20.63
CA GLY A 72 -3.20 18.03 19.72
C GLY A 72 -3.82 17.48 18.46
N HIS A 73 -5.05 17.85 18.13
CA HIS A 73 -5.65 17.41 16.88
C HIS A 73 -5.26 18.34 15.74
N THR A 74 -4.96 17.74 14.61
CA THR A 74 -4.74 18.43 13.35
C THR A 74 -5.99 18.35 12.48
N PRO A 75 -6.05 19.13 11.40
CA PRO A 75 -7.19 18.99 10.49
C PRO A 75 -7.36 17.57 9.97
N LEU A 76 -6.27 16.85 9.76
CA LEU A 76 -6.37 15.47 9.28
C LEU A 76 -7.05 14.57 10.31
N HIS A 77 -6.77 14.75 11.60
CA HIS A 77 -7.52 14.02 12.61
C HIS A 77 -9.02 14.24 12.41
N LEU A 78 -9.42 15.50 12.23
CA LEU A 78 -10.84 15.83 12.21
C LEU A 78 -11.52 15.31 10.96
N ALA A 79 -10.85 15.40 9.81
CA ALA A 79 -11.42 14.86 8.58
C ALA A 79 -11.52 13.34 8.63
N ALA A 80 -10.54 12.67 9.25
CA ALA A 80 -10.58 11.23 9.37
C ALA A 80 -11.71 10.78 10.29
N TYR A 81 -11.91 11.49 11.40
CA TYR A 81 -13.00 11.18 12.33
C TYR A 81 -14.35 11.36 11.67
N THR A 82 -14.56 12.49 10.98
CA THR A 82 -15.87 12.82 10.42
C THR A 82 -16.14 12.14 9.09
N GLY A 83 -15.14 11.47 8.51
CA GLY A 83 -15.37 10.66 7.34
C GLY A 83 -15.31 11.37 6.01
N HIS A 84 -14.58 12.48 5.91
CA HIS A 84 -14.52 13.26 4.68
C HIS A 84 -13.31 12.84 3.86
N LEU A 85 -13.56 11.94 2.90
CA LEU A 85 -12.49 11.28 2.18
C LEU A 85 -11.71 12.24 1.29
N GLU A 86 -12.40 13.03 0.47
N GLU A 86 -12.40 13.05 0.49
CA GLU A 86 -11.68 13.94 -0.41
CA GLU A 86 -11.70 13.95 -0.42
C GLU A 86 -10.87 14.95 0.41
C GLU A 86 -10.95 15.04 0.34
N ILE A 87 -11.44 15.44 1.52
CA ILE A 87 -10.69 16.36 2.36
C ILE A 87 -9.43 15.68 2.90
N VAL A 88 -9.55 14.43 3.34
CA VAL A 88 -8.38 13.66 3.77
C VAL A 88 -7.33 13.63 2.65
N GLU A 89 -7.77 13.33 1.43
CA GLU A 89 -6.84 13.26 0.31
C GLU A 89 -6.19 14.62 0.04
N VAL A 90 -6.99 15.69 0.06
CA VAL A 90 -6.44 17.03 -0.19
C VAL A 90 -5.44 17.40 0.90
N LEU A 91 -5.78 17.12 2.16
CA LEU A 91 -4.86 17.45 3.24
C LEU A 91 -3.54 16.71 3.06
N LEU A 92 -3.59 15.43 2.75
CA LEU A 92 -2.36 14.65 2.57
C LEU A 92 -1.57 15.16 1.38
N LYS A 93 -2.25 15.52 0.29
CA LYS A 93 -1.55 16.05 -0.88
C LYS A 93 -0.83 17.35 -0.55
N ASN A 94 -1.32 18.10 0.43
CA ASN A 94 -0.73 19.38 0.84
C ASN A 94 0.20 19.24 2.04
N GLY A 95 0.62 18.02 2.37
CA GLY A 95 1.66 17.82 3.34
C GLY A 95 1.21 17.46 4.75
N ALA A 96 -0.05 17.10 4.94
CA ALA A 96 -0.51 16.73 6.26
C ALA A 96 0.29 15.54 6.79
N GLY A 97 0.64 15.61 8.07
CA GLY A 97 1.35 14.53 8.73
C GLY A 97 0.46 13.35 9.03
N VAL A 98 0.72 12.22 8.34
CA VAL A 98 -0.16 11.07 8.46
C VAL A 98 -0.04 10.39 9.81
N ASN A 99 1.07 10.59 10.52
CA ASN A 99 1.33 9.96 11.80
C ASN A 99 1.31 10.96 12.96
N ALA A 100 0.64 12.10 12.78
CA ALA A 100 0.48 13.05 13.87
C ALA A 100 -0.35 12.43 14.99
N THR A 101 0.09 12.64 16.23
CA THR A 101 -0.62 12.10 17.38
C THR A 101 -1.05 13.23 18.30
N ASP A 102 -2.21 13.06 18.91
CA ASP A 102 -2.75 14.05 19.82
C ASP A 102 -2.18 13.82 21.22
N VAL A 103 -2.76 14.47 22.23
CA VAL A 103 -2.15 14.45 23.54
C VAL A 103 -2.28 13.12 24.26
N ILE A 104 -3.08 12.18 23.76
CA ILE A 104 -3.11 10.83 24.32
C ILE A 104 -2.61 9.78 23.33
N GLY A 105 -1.94 10.21 22.27
CA GLY A 105 -1.33 9.29 21.33
C GLY A 105 -2.22 8.80 20.21
N THR A 106 -3.38 9.43 20.01
CA THR A 106 -4.31 9.02 18.96
C THR A 106 -3.87 9.62 17.64
N ALA A 107 -3.78 8.78 16.61
CA ALA A 107 -3.45 9.20 15.26
C ALA A 107 -4.71 9.22 14.39
N PRO A 108 -4.65 9.85 13.22
CA PRO A 108 -5.84 9.86 12.34
C PRO A 108 -6.34 8.46 12.03
N LEU A 109 -5.44 7.50 11.86
CA LEU A 109 -5.87 6.14 11.57
C LEU A 109 -6.73 5.56 12.69
N HIS A 110 -6.40 5.88 13.95
CA HIS A 110 -7.24 5.41 15.06
C HIS A 110 -8.68 5.85 14.86
N LEU A 111 -8.88 7.12 14.49
CA LEU A 111 -10.22 7.68 14.42
C LEU A 111 -10.99 7.15 13.22
N ALA A 112 -10.31 7.05 12.07
CA ALA A 112 -10.96 6.50 10.88
C ALA A 112 -11.33 5.04 11.11
N ALA A 113 -10.45 4.29 11.76
CA ALA A 113 -10.73 2.88 12.00
C ALA A 113 -11.86 2.72 13.00
N MET A 114 -11.84 3.50 14.08
CA MET A 114 -12.87 3.33 15.09
C MET A 114 -14.26 3.63 14.55
N TRP A 115 -14.37 4.57 13.61
CA TRP A 115 -15.68 4.95 13.06
C TRP A 115 -15.93 4.37 11.68
N GLY A 116 -15.14 3.38 11.26
CA GLY A 116 -15.50 2.56 10.13
C GLY A 116 -15.36 3.19 8.77
N HIS A 117 -14.51 4.21 8.64
CA HIS A 117 -14.31 4.90 7.37
C HIS A 117 -13.24 4.16 6.59
N LEU A 118 -13.69 3.13 5.87
CA LEU A 118 -12.76 2.14 5.31
C LEU A 118 -11.87 2.74 4.23
N GLU A 119 -12.45 3.49 3.30
N GLU A 119 -12.44 3.52 3.30
CA GLU A 119 -11.63 4.10 2.25
CA GLU A 119 -11.60 4.07 2.24
C GLU A 119 -10.61 5.04 2.85
C GLU A 119 -10.67 5.16 2.76
N ILE A 120 -11.00 5.79 3.88
CA ILE A 120 -10.03 6.67 4.54
C ILE A 120 -8.90 5.86 5.16
N VAL A 121 -9.25 4.74 5.80
CA VAL A 121 -8.22 3.84 6.35
C VAL A 121 -7.25 3.42 5.24
N GLU A 122 -7.79 3.02 4.10
CA GLU A 122 -6.96 2.61 2.97
C GLU A 122 -6.04 3.74 2.54
N VAL A 123 -6.58 4.96 2.42
CA VAL A 123 -5.77 6.10 1.97
C VAL A 123 -4.70 6.44 3.00
N LEU A 124 -5.04 6.40 4.29
CA LEU A 124 -4.04 6.68 5.31
C LEU A 124 -2.92 5.66 5.27
N LEU A 125 -3.27 4.38 5.15
CA LEU A 125 -2.24 3.34 5.06
C LEU A 125 -1.37 3.55 3.81
N LYS A 126 -2.01 3.86 2.67
CA LYS A 126 -1.23 4.09 1.45
C LYS A 126 -0.25 5.25 1.62
N ASN A 127 -0.59 6.24 2.44
CA ASN A 127 0.28 7.39 2.67
C ASN A 127 1.25 7.20 3.83
N GLY A 128 1.38 5.99 4.35
CA GLY A 128 2.39 5.71 5.35
C GLY A 128 1.94 5.69 6.79
N ALA A 129 0.64 5.63 7.05
CA ALA A 129 0.17 5.55 8.43
C ALA A 129 0.71 4.29 9.10
N ASP A 130 1.12 4.43 10.35
CA ASP A 130 1.60 3.30 11.15
C ASP A 130 0.41 2.45 11.55
N ALA A 131 0.30 1.26 10.96
CA ALA A 131 -0.86 0.42 11.20
C ALA A 131 -0.97 -0.05 12.65
N HIS A 132 0.15 -0.19 13.35
N HIS A 132 0.16 -0.15 13.35
CA HIS A 132 0.15 -0.68 14.73
CA HIS A 132 0.21 -0.66 14.71
C HIS A 132 0.51 0.43 15.73
C HIS A 132 0.46 0.42 15.74
N ALA A 133 0.15 1.67 15.40
CA ALA A 133 0.34 2.76 16.36
C ALA A 133 -0.50 2.52 17.60
N ARG A 134 0.11 2.69 18.77
CA ARG A 134 -0.58 2.52 20.04
C ARG A 134 -0.75 3.88 20.69
N ASP A 135 -1.96 4.17 21.17
CA ASP A 135 -2.16 5.36 21.99
C ASP A 135 -1.57 5.10 23.38
N LYS A 136 -1.76 6.09 24.26
CA LYS A 136 -1.13 6.01 25.57
C LYS A 136 -1.67 4.85 26.40
N PHE A 137 -2.82 4.29 26.03
CA PHE A 137 -3.42 3.16 26.73
C PHE A 137 -3.20 1.84 26.01
N GLY A 138 -2.37 1.84 24.96
CA GLY A 138 -2.02 0.63 24.26
C GLY A 138 -2.93 0.25 23.12
N LYS A 139 -3.96 1.05 22.82
CA LYS A 139 -4.93 0.67 21.80
C LYS A 139 -4.41 0.98 20.40
N THR A 140 -4.55 0.03 19.50
CA THR A 140 -4.20 0.18 18.10
C THR A 140 -5.44 0.50 17.29
N PRO A 141 -5.26 0.89 16.02
CA PRO A 141 -6.44 1.06 15.16
C PRO A 141 -7.27 -0.19 15.05
N LYS A 142 -6.64 -1.36 14.93
CA LYS A 142 -7.38 -2.61 14.89
C LYS A 142 -8.21 -2.81 16.15
N ASP A 143 -7.61 -2.54 17.32
CA ASP A 143 -8.35 -2.66 18.58
C ASP A 143 -9.61 -1.82 18.56
N LEU A 144 -9.48 -0.56 18.14
CA LEU A 144 -10.65 0.32 18.17
C LEU A 144 -11.68 -0.08 17.13
N ALA A 145 -11.24 -0.54 15.97
CA ALA A 145 -12.17 -1.04 14.97
C ALA A 145 -12.93 -2.26 15.50
N GLU A 146 -12.23 -3.18 16.16
CA GLU A 146 -12.89 -4.34 16.74
C GLU A 146 -13.88 -3.91 17.82
N ASP A 147 -13.48 -2.99 18.69
CA ASP A 147 -14.35 -2.54 19.77
C ASP A 147 -15.62 -1.88 19.23
N ASN A 148 -15.56 -1.29 18.05
CA ASN A 148 -16.72 -0.64 17.44
C ASN A 148 -17.39 -1.52 16.38
N GLY A 149 -17.02 -2.79 16.29
CA GLY A 149 -17.69 -3.71 15.40
C GLY A 149 -17.43 -3.52 13.93
N ASN A 150 -16.31 -2.90 13.57
CA ASN A 150 -15.95 -2.64 12.18
C ASN A 150 -14.97 -3.74 11.73
N GLU A 151 -15.52 -4.90 11.41
N GLU A 151 -15.54 -4.90 11.41
CA GLU A 151 -14.67 -6.05 11.13
CA GLU A 151 -14.71 -6.07 11.11
C GLU A 151 -13.93 -5.91 9.80
C GLU A 151 -13.93 -5.87 9.82
N ASP A 152 -14.52 -5.22 8.82
CA ASP A 152 -13.82 -5.00 7.56
C ASP A 152 -12.55 -4.16 7.79
N VAL A 153 -12.68 -3.09 8.58
CA VAL A 153 -11.51 -2.29 8.92
C VAL A 153 -10.52 -3.12 9.72
N ALA A 154 -11.02 -3.87 10.70
CA ALA A 154 -10.13 -4.66 11.56
C ALA A 154 -9.33 -5.66 10.74
N ARG A 155 -9.95 -6.29 9.74
CA ARG A 155 -9.23 -7.26 8.94
C ARG A 155 -8.14 -6.58 8.11
N LEU A 156 -8.45 -5.43 7.50
CA LEU A 156 -7.43 -4.72 6.74
C LEU A 156 -6.28 -4.30 7.65
N ALA A 157 -6.60 -3.79 8.84
CA ALA A 157 -5.55 -3.38 9.77
C ALA A 157 -4.70 -4.57 10.17
N GLU A 158 -5.32 -5.72 10.41
CA GLU A 158 -4.56 -6.92 10.74
C GLU A 158 -3.61 -7.29 9.61
N LEU A 159 -4.10 -7.26 8.36
CA LEU A 159 -3.25 -7.58 7.23
C LEU A 159 -2.13 -6.56 7.08
N ALA A 160 -2.43 -5.29 7.35
CA ALA A 160 -1.39 -4.27 7.29
C ALA A 160 -0.34 -4.48 8.38
N GLU A 161 -0.78 -4.92 9.58
CA GLU A 161 0.19 -5.28 10.61
C GLU A 161 1.07 -6.43 10.14
N TYR A 162 0.48 -7.45 9.52
CA TYR A 162 1.28 -8.57 9.02
C TYR A 162 2.27 -8.10 7.96
N ALA A 163 1.83 -7.23 7.06
CA ALA A 163 2.72 -6.74 6.01
C ALA A 163 3.88 -5.95 6.59
N HIS A 164 3.63 -5.18 7.65
CA HIS A 164 4.72 -4.43 8.28
C HIS A 164 5.75 -5.38 8.88
N LYS A 165 5.28 -6.40 9.62
CA LYS A 165 6.20 -7.36 10.22
C LYS A 165 6.96 -8.12 9.15
N ALA A 166 6.31 -8.43 8.03
CA ALA A 166 6.94 -9.21 6.97
C ALA A 166 8.06 -8.43 6.28
N SER A 167 8.03 -7.11 6.36
N SER A 167 8.02 -7.11 6.35
CA SER A 167 9.11 -6.26 5.84
CA SER A 167 9.09 -6.26 5.85
C SER A 167 10.22 -6.05 6.85
C SER A 167 10.12 -5.94 6.93
N GLY A 168 10.11 -6.65 8.03
CA GLY A 168 11.04 -6.40 9.11
C GLY A 168 12.19 -7.37 9.17
N SER A 169 12.60 -7.72 10.39
CA SER A 169 13.79 -8.51 10.60
C SER A 169 13.49 -10.00 10.42
N GLN A 170 14.55 -10.81 10.46
CA GLN A 170 14.37 -12.25 10.40
C GLN A 170 13.58 -12.75 11.61
N ASP A 171 13.85 -12.19 12.79
N ASP A 171 13.86 -12.19 12.79
CA ASP A 171 13.08 -12.56 13.97
CA ASP A 171 13.08 -12.54 13.97
C ASP A 171 11.61 -12.18 13.80
C ASP A 171 11.62 -12.19 13.77
N ASP A 172 11.34 -11.01 13.19
CA ASP A 172 9.96 -10.62 12.92
C ASP A 172 9.26 -11.65 12.05
N ILE A 173 9.92 -12.06 10.97
CA ILE A 173 9.32 -13.02 10.04
C ILE A 173 9.12 -14.36 10.73
N GLN A 174 10.11 -14.81 11.51
CA GLN A 174 9.98 -16.09 12.19
C GLN A 174 8.81 -16.07 13.17
N LYS A 175 8.61 -14.94 13.86
CA LYS A 175 7.49 -14.85 14.79
C LYS A 175 6.16 -14.85 14.03
N LEU A 176 6.11 -14.18 12.87
N LEU A 176 6.09 -14.16 12.89
CA LEU A 176 4.91 -14.21 12.05
CA LEU A 176 4.89 -14.23 12.05
C LEU A 176 4.54 -15.64 11.66
C LEU A 176 4.54 -15.67 11.74
N ILE A 177 5.51 -16.43 11.24
CA ILE A 177 5.25 -17.82 10.86
C ILE A 177 4.84 -18.62 12.10
N ARG A 178 5.59 -18.48 13.20
CA ARG A 178 5.27 -19.21 14.41
C ARG A 178 3.82 -18.96 14.86
N ASP A 179 3.38 -17.70 14.80
CA ASP A 179 2.05 -17.33 15.28
C ASP A 179 0.94 -17.67 14.30
N GLY A 180 1.25 -18.32 13.18
CA GLY A 180 0.22 -18.79 12.28
C GLY A 180 -0.37 -17.77 11.34
N ALA A 181 0.41 -16.76 10.95
CA ALA A 181 -0.14 -15.75 10.04
C ALA A 181 -0.24 -16.28 8.60
N LEU A 182 0.58 -17.25 8.22
CA LEU A 182 0.62 -17.67 6.82
C LEU A 182 -0.72 -18.20 6.32
N PRO A 183 -1.42 -19.08 7.04
CA PRO A 183 -2.74 -19.52 6.55
C PRO A 183 -3.72 -18.38 6.35
N GLU A 184 -3.68 -17.37 7.23
CA GLU A 184 -4.57 -16.23 7.06
C GLU A 184 -4.21 -15.46 5.79
N LEU A 185 -2.91 -15.22 5.58
CA LEU A 185 -2.47 -14.51 4.39
C LEU A 185 -2.85 -15.27 3.13
N VAL A 186 -2.67 -16.58 3.12
CA VAL A 186 -3.02 -17.37 1.94
C VAL A 186 -4.53 -17.32 1.70
N ARG A 187 -5.32 -17.45 2.76
CA ARG A 187 -6.77 -17.35 2.59
C ARG A 187 -7.15 -16.04 1.92
N GLU A 188 -6.47 -14.94 2.26
CA GLU A 188 -6.83 -13.65 1.71
C GLU A 188 -6.43 -13.50 0.25
N LEU A 189 -5.65 -14.43 -0.30
CA LEU A 189 -5.35 -14.41 -1.73
C LEU A 189 -6.56 -14.74 -2.58
N SER A 190 -7.68 -15.13 -1.97
CA SER A 190 -8.95 -15.32 -2.65
C SER A 190 -9.95 -14.21 -2.34
N SER A 191 -9.52 -13.16 -1.67
CA SER A 191 -10.46 -12.12 -1.24
C SER A 191 -10.96 -11.33 -2.46
N PRO A 192 -12.24 -10.99 -2.50
CA PRO A 192 -12.70 -10.06 -3.54
C PRO A 192 -12.27 -8.62 -3.30
N ASN A 193 -11.68 -8.33 -2.15
CA ASN A 193 -11.26 -6.98 -1.81
C ASN A 193 -9.80 -6.80 -2.25
N GLU A 194 -9.57 -5.91 -3.20
N GLU A 194 -9.59 -5.91 -3.21
CA GLU A 194 -8.22 -5.76 -3.74
CA GLU A 194 -8.25 -5.71 -3.75
C GLU A 194 -7.26 -5.11 -2.76
C GLU A 194 -7.28 -5.24 -2.68
N SER A 195 -7.77 -4.47 -1.70
CA SER A 195 -6.88 -4.00 -0.64
C SER A 195 -6.35 -5.17 0.18
N HIS A 196 -7.18 -6.18 0.41
CA HIS A 196 -6.72 -7.38 1.10
C HIS A 196 -5.69 -8.14 0.27
N LEU A 197 -6.00 -8.34 -1.01
CA LEU A 197 -5.06 -9.04 -1.88
C LEU A 197 -3.71 -8.37 -1.87
N GLN A 198 -3.69 -7.04 -2.02
N GLN A 198 -3.70 -7.04 -2.03
CA GLN A 198 -2.41 -6.32 -2.07
CA GLN A 198 -2.45 -6.29 -2.06
C GLN A 198 -1.62 -6.50 -0.78
C GLN A 198 -1.64 -6.52 -0.79
N MET A 199 -2.27 -6.37 0.38
CA MET A 199 -1.56 -6.53 1.63
C MET A 199 -1.02 -7.94 1.78
N ALA A 200 -1.84 -8.94 1.46
CA ALA A 200 -1.41 -10.33 1.59
C ALA A 200 -0.27 -10.65 0.62
N LEU A 201 -0.35 -10.13 -0.61
CA LEU A 201 0.70 -10.38 -1.58
C LEU A 201 2.02 -9.74 -1.16
N TRP A 202 1.97 -8.52 -0.63
CA TRP A 202 3.18 -7.88 -0.13
C TRP A 202 3.80 -8.72 0.98
N ALA A 203 2.98 -9.14 1.95
CA ALA A 203 3.52 -9.88 3.08
C ALA A 203 4.13 -11.20 2.63
N LEU A 204 3.40 -11.97 1.82
CA LEU A 204 3.91 -13.26 1.40
C LEU A 204 5.15 -13.12 0.53
N SER A 205 5.17 -12.13 -0.37
CA SER A 205 6.34 -11.92 -1.20
C SER A 205 7.55 -11.55 -0.36
N ASN A 206 7.36 -10.70 0.66
CA ASN A 206 8.48 -10.30 1.49
C ASN A 206 8.99 -11.48 2.32
N ILE A 207 8.09 -12.32 2.85
CA ILE A 207 8.51 -13.52 3.55
C ILE A 207 9.32 -14.42 2.64
N ALA A 208 8.86 -14.60 1.39
CA ALA A 208 9.56 -15.45 0.44
C ALA A 208 10.89 -14.88 -0.01
N SER A 209 11.22 -13.66 0.37
CA SER A 209 12.49 -13.05 0.01
C SER A 209 13.60 -13.34 1.00
N GLY A 210 13.30 -14.01 2.12
CA GLY A 210 14.28 -14.15 3.18
C GLY A 210 14.82 -15.54 3.41
N GLY A 211 15.00 -16.33 2.36
CA GLY A 211 15.65 -17.62 2.51
C GLY A 211 14.80 -18.81 2.12
N ASN A 212 15.45 -19.94 1.82
CA ASN A 212 14.70 -21.10 1.32
C ASN A 212 13.81 -21.73 2.38
N GLU A 213 14.18 -21.64 3.66
CA GLU A 213 13.28 -22.14 4.70
C GLU A 213 12.02 -21.30 4.77
N GLN A 214 12.14 -19.99 4.55
CA GLN A 214 10.98 -19.12 4.56
C GLN A 214 10.15 -19.35 3.30
N ILE A 215 10.81 -19.55 2.16
CA ILE A 215 10.10 -19.96 0.95
C ILE A 215 9.30 -21.23 1.23
N GLN A 216 9.90 -22.20 1.91
CA GLN A 216 9.20 -23.46 2.12
C GLN A 216 7.97 -23.28 3.00
N ALA A 217 8.05 -22.41 4.00
CA ALA A 217 6.88 -22.14 4.83
C ALA A 217 5.74 -21.56 3.99
N VAL A 218 6.08 -20.67 3.05
CA VAL A 218 5.07 -20.09 2.18
C VAL A 218 4.46 -21.17 1.29
N ILE A 219 5.31 -22.04 0.71
CA ILE A 219 4.80 -23.14 -0.10
C ILE A 219 3.93 -24.06 0.74
N ASP A 220 4.39 -24.39 1.96
CA ASP A 220 3.66 -25.37 2.76
C ASP A 220 2.31 -24.84 3.19
N ALA A 221 2.15 -23.52 3.28
CA ALA A 221 0.89 -22.89 3.60
C ALA A 221 -0.07 -22.86 2.41
N GLY A 222 0.37 -23.30 1.24
CA GLY A 222 -0.51 -23.40 0.08
C GLY A 222 -0.57 -22.17 -0.79
N ALA A 223 0.44 -21.32 -0.76
CA ALA A 223 0.35 -20.05 -1.47
C ALA A 223 0.42 -20.23 -2.98
N LEU A 224 1.10 -21.27 -3.49
CA LEU A 224 1.42 -21.30 -4.91
C LEU A 224 0.18 -21.37 -5.81
N PRO A 225 -0.78 -22.26 -5.58
CA PRO A 225 -1.95 -22.28 -6.48
C PRO A 225 -2.65 -20.95 -6.56
N ALA A 226 -2.80 -20.25 -5.43
CA ALA A 226 -3.45 -18.95 -5.43
C ALA A 226 -2.62 -17.90 -6.15
N LEU A 227 -1.31 -17.86 -5.90
CA LEU A 227 -0.47 -16.91 -6.61
C LEU A 227 -0.56 -17.09 -8.12
N VAL A 228 -0.55 -18.34 -8.58
CA VAL A 228 -0.62 -18.60 -10.02
C VAL A 228 -1.97 -18.14 -10.56
N GLN A 229 -3.05 -18.47 -9.86
CA GLN A 229 -4.37 -18.10 -10.36
C GLN A 229 -4.59 -16.59 -10.35
N LEU A 230 -3.88 -15.86 -9.50
CA LEU A 230 -3.97 -14.40 -9.54
C LEU A 230 -3.36 -13.80 -10.79
N LEU A 231 -2.63 -14.58 -11.59
CA LEU A 231 -2.04 -14.06 -12.82
C LEU A 231 -3.08 -13.79 -13.91
N SER A 232 -4.35 -14.14 -13.69
CA SER A 232 -5.43 -13.73 -14.58
C SER A 232 -6.16 -12.50 -14.06
N SER A 233 -5.59 -11.80 -13.08
CA SER A 233 -6.23 -10.61 -12.56
C SER A 233 -6.26 -9.53 -13.63
N PRO A 234 -7.34 -8.75 -13.72
CA PRO A 234 -7.34 -7.57 -14.60
C PRO A 234 -6.63 -6.36 -14.03
N ASN A 235 -6.14 -6.44 -12.79
CA ASN A 235 -5.54 -5.30 -12.10
C ASN A 235 -4.02 -5.44 -12.18
N GLU A 236 -3.38 -4.49 -12.85
CA GLU A 236 -1.95 -4.61 -13.11
C GLU A 236 -1.13 -4.53 -11.83
N GLN A 237 -1.62 -3.84 -10.80
CA GLN A 237 -0.88 -3.82 -9.54
C GLN A 237 -0.88 -5.20 -8.88
N ILE A 238 -2.01 -5.91 -8.94
CA ILE A 238 -2.07 -7.27 -8.41
C ILE A 238 -1.14 -8.19 -9.19
N LEU A 239 -1.15 -8.09 -10.51
CA LEU A 239 -0.25 -8.90 -11.33
C LEU A 239 1.20 -8.66 -10.93
N LYS A 240 1.60 -7.39 -10.79
N LYS A 240 1.59 -7.39 -10.78
N LYS A 240 1.59 -7.39 -10.78
CA LYS A 240 2.97 -7.11 -10.42
CA LYS A 240 2.96 -7.07 -10.41
CA LYS A 240 2.96 -7.06 -10.41
C LYS A 240 3.33 -7.75 -9.07
C LYS A 240 3.33 -7.73 -9.08
C LYS A 240 3.33 -7.71 -9.08
N GLU A 241 2.44 -7.64 -8.09
CA GLU A 241 2.75 -8.16 -6.76
C GLU A 241 2.76 -9.68 -6.73
N ALA A 242 1.83 -10.32 -7.44
CA ALA A 242 1.85 -11.78 -7.51
C ALA A 242 3.12 -12.26 -8.19
N LEU A 243 3.52 -11.58 -9.27
CA LEU A 243 4.74 -11.97 -9.97
C LEU A 243 5.97 -11.80 -9.08
N GLU A 244 6.03 -10.71 -8.31
CA GLU A 244 7.18 -10.53 -7.42
C GLU A 244 7.29 -11.68 -6.42
N ALA A 245 6.14 -12.13 -5.89
CA ALA A 245 6.16 -13.26 -4.96
C ALA A 245 6.64 -14.53 -5.65
N LEU A 246 6.18 -14.76 -6.89
CA LEU A 246 6.61 -15.95 -7.62
C LEU A 246 8.10 -15.87 -7.98
N VAL A 247 8.58 -14.69 -8.34
CA VAL A 247 10.03 -14.52 -8.57
C VAL A 247 10.80 -14.97 -7.33
N ASN A 248 10.35 -14.54 -6.16
CA ASN A 248 11.07 -14.88 -4.93
C ASN A 248 11.02 -16.37 -4.65
N ILE A 249 9.85 -16.99 -4.79
CA ILE A 249 9.75 -18.43 -4.55
C ILE A 249 10.64 -19.19 -5.51
N ALA A 250 10.67 -18.78 -6.78
CA ALA A 250 11.49 -19.43 -7.79
C ALA A 250 12.98 -19.17 -7.62
N SER A 251 13.37 -18.31 -6.67
CA SER A 251 14.77 -18.14 -6.34
C SER A 251 15.30 -19.23 -5.41
N GLY A 252 14.44 -20.16 -4.99
CA GLY A 252 14.83 -21.20 -4.07
C GLY A 252 15.46 -22.40 -4.74
N GLY A 253 15.42 -23.52 -4.04
CA GLY A 253 16.00 -24.74 -4.54
C GLY A 253 15.19 -25.35 -5.67
N ASN A 254 15.79 -26.35 -6.32
CA ASN A 254 15.16 -26.93 -7.51
C ASN A 254 13.80 -27.54 -7.20
N GLU A 255 13.65 -28.14 -6.01
CA GLU A 255 12.34 -28.69 -5.66
C GLU A 255 11.31 -27.59 -5.42
N GLN A 256 11.75 -26.42 -4.94
CA GLN A 256 10.84 -25.30 -4.80
C GLN A 256 10.49 -24.72 -6.17
N ILE A 257 11.48 -24.65 -7.07
CA ILE A 257 11.20 -24.26 -8.44
C ILE A 257 10.19 -25.21 -9.07
N GLN A 258 10.37 -26.52 -8.84
CA GLN A 258 9.45 -27.48 -9.44
C GLN A 258 8.04 -27.30 -8.88
N ALA A 259 7.93 -26.88 -7.61
CA ALA A 259 6.60 -26.61 -7.05
C ALA A 259 5.91 -25.47 -7.79
N VAL A 260 6.67 -24.46 -8.20
CA VAL A 260 6.09 -23.37 -8.99
C VAL A 260 5.58 -23.91 -10.32
N ILE A 261 6.38 -24.74 -10.99
CA ILE A 261 5.96 -25.34 -12.26
C ILE A 261 4.71 -26.19 -12.04
N ASP A 262 4.71 -27.01 -10.98
CA ASP A 262 3.61 -27.94 -10.73
C ASP A 262 2.31 -27.24 -10.35
N ALA A 263 2.39 -25.98 -9.91
CA ALA A 263 1.22 -25.18 -9.61
C ALA A 263 0.67 -24.47 -10.85
N GLY A 264 1.27 -24.67 -12.01
CA GLY A 264 0.72 -24.19 -13.26
C GLY A 264 1.22 -22.86 -13.72
N ALA A 265 2.36 -22.40 -13.18
CA ALA A 265 2.81 -21.04 -13.46
C ALA A 265 3.21 -20.83 -14.92
N LEU A 266 3.78 -21.84 -15.59
CA LEU A 266 4.45 -21.59 -16.86
C LEU A 266 3.54 -21.02 -17.93
N PRO A 267 2.33 -21.57 -18.17
CA PRO A 267 1.48 -20.99 -19.22
C PRO A 267 1.19 -19.50 -18.99
N ALA A 268 0.96 -19.12 -17.73
CA ALA A 268 0.67 -17.72 -17.44
C ALA A 268 1.92 -16.87 -17.61
N LEU A 269 3.05 -17.33 -17.09
CA LEU A 269 4.28 -16.54 -17.22
C LEU A 269 4.64 -16.31 -18.67
N VAL A 270 4.54 -17.35 -19.51
CA VAL A 270 4.87 -17.18 -20.93
C VAL A 270 3.92 -16.18 -21.57
N GLN A 271 2.62 -16.27 -21.25
CA GLN A 271 1.67 -15.33 -21.85
C GLN A 271 1.97 -13.90 -21.40
N LEU A 272 2.36 -13.71 -20.15
CA LEU A 272 2.63 -12.38 -19.63
C LEU A 272 3.81 -11.72 -20.29
N LEU A 273 4.65 -12.47 -21.01
CA LEU A 273 5.71 -11.86 -21.79
C LEU A 273 5.18 -10.99 -22.91
N SER A 274 3.89 -11.06 -23.21
N SER A 274 3.89 -11.06 -23.21
CA SER A 274 3.26 -10.23 -24.23
CA SER A 274 3.27 -10.23 -24.23
C SER A 274 2.65 -8.96 -23.66
C SER A 274 2.67 -8.95 -23.66
N SER A 275 2.77 -8.72 -22.35
CA SER A 275 2.14 -7.54 -21.77
C SER A 275 2.79 -6.27 -22.31
N PRO A 276 2.00 -5.25 -22.64
CA PRO A 276 2.59 -3.93 -22.94
C PRO A 276 3.07 -3.19 -21.71
N ASN A 277 2.68 -3.65 -20.51
CA ASN A 277 3.21 -3.11 -19.27
C ASN A 277 4.57 -3.75 -19.04
N GLU A 278 5.63 -2.95 -19.16
CA GLU A 278 6.99 -3.48 -19.15
C GLU A 278 7.45 -3.85 -17.75
N LEU A 279 6.78 -3.35 -16.70
CA LEU A 279 7.08 -3.81 -15.35
C LEU A 279 6.51 -5.21 -15.12
N ILE A 280 5.31 -5.48 -15.65
CA ILE A 280 4.75 -6.83 -15.61
C ILE A 280 5.60 -7.76 -16.45
N LEU A 281 5.91 -7.34 -17.68
CA LEU A 281 6.69 -8.19 -18.57
C LEU A 281 8.00 -8.60 -17.93
N ILE A 282 8.74 -7.65 -17.38
CA ILE A 282 10.07 -7.99 -16.87
C ILE A 282 9.97 -8.90 -15.64
N ARG A 283 8.91 -8.77 -14.84
CA ARG A 283 8.76 -9.65 -13.68
C ARG A 283 8.44 -11.08 -14.10
N ALA A 284 7.57 -11.24 -15.11
CA ALA A 284 7.33 -12.58 -15.65
C ALA A 284 8.61 -13.16 -16.23
N LEU A 285 9.39 -12.34 -16.92
CA LEU A 285 10.67 -12.77 -17.47
C LEU A 285 11.62 -13.19 -16.37
N GLN A 286 11.69 -12.41 -15.29
CA GLN A 286 12.57 -12.75 -14.18
C GLN A 286 12.13 -14.04 -13.50
N ALA A 287 10.82 -14.27 -13.38
CA ALA A 287 10.36 -15.53 -12.82
C ALA A 287 10.80 -16.70 -13.69
N LEU A 288 10.63 -16.58 -15.01
CA LEU A 288 11.08 -17.64 -15.92
C LEU A 288 12.59 -17.82 -15.86
N SER A 289 13.34 -16.72 -15.73
CA SER A 289 14.79 -16.83 -15.65
C SER A 289 15.23 -17.52 -14.36
N ASN A 290 14.57 -17.22 -13.24
CA ASN A 290 14.86 -17.96 -12.00
C ASN A 290 14.55 -19.44 -12.15
N ILE A 291 13.42 -19.76 -12.78
CA ILE A 291 13.07 -21.17 -13.01
C ILE A 291 14.13 -21.84 -13.88
N ALA A 292 14.62 -21.14 -14.90
CA ALA A 292 15.65 -21.67 -15.78
C ALA A 292 16.99 -21.85 -15.07
N SER A 293 17.15 -21.26 -13.88
CA SER A 293 18.36 -21.46 -13.09
C SER A 293 18.34 -22.78 -12.33
N GLY A 294 17.23 -23.51 -12.37
CA GLY A 294 17.16 -24.82 -11.76
C GLY A 294 17.87 -25.87 -12.59
N GLY A 295 17.47 -27.13 -12.38
CA GLY A 295 18.07 -28.24 -13.09
C GLY A 295 17.49 -28.43 -14.47
N ASN A 296 17.95 -29.50 -15.13
CA ASN A 296 17.54 -29.74 -16.52
C ASN A 296 16.05 -30.07 -16.63
N GLU A 297 15.47 -30.69 -15.59
CA GLU A 297 14.02 -30.91 -15.61
C GLU A 297 13.27 -29.59 -15.64
N GLN A 298 13.74 -28.63 -14.85
CA GLN A 298 13.12 -27.31 -14.81
C GLN A 298 13.37 -26.55 -16.10
N LYS A 299 14.60 -26.58 -16.60
CA LYS A 299 14.90 -25.94 -17.88
C LYS A 299 14.03 -26.52 -18.99
N GLN A 300 13.88 -27.85 -19.02
CA GLN A 300 13.11 -28.47 -20.09
C GLN A 300 11.64 -28.08 -20.01
N ALA A 301 11.11 -27.96 -18.79
CA ALA A 301 9.72 -27.52 -18.66
C ALA A 301 9.52 -26.14 -19.27
N VAL A 302 10.47 -25.23 -19.02
CA VAL A 302 10.39 -23.89 -19.58
C VAL A 302 10.38 -23.95 -21.10
N LYS A 303 11.23 -24.80 -21.68
CA LYS A 303 11.28 -24.93 -23.13
C LYS A 303 9.97 -25.51 -23.66
N GLU A 304 9.44 -26.53 -22.98
CA GLU A 304 8.19 -27.14 -23.44
C GLU A 304 7.01 -26.18 -23.34
N ALA A 305 7.11 -25.15 -22.50
CA ALA A 305 6.05 -24.16 -22.39
C ALA A 305 6.07 -23.12 -23.51
N GLY A 306 7.06 -23.18 -24.40
CA GLY A 306 7.15 -22.26 -25.51
C GLY A 306 7.89 -20.98 -25.21
N ALA A 307 8.73 -20.96 -24.18
CA ALA A 307 9.37 -19.71 -23.78
C ALA A 307 10.48 -19.31 -24.75
N LEU A 308 11.13 -20.27 -25.40
CA LEU A 308 12.30 -19.93 -26.21
C LEU A 308 11.92 -18.96 -27.31
N GLU A 309 10.83 -19.22 -28.04
CA GLU A 309 10.46 -18.36 -29.15
C GLU A 309 10.13 -16.94 -28.69
N LYS A 310 9.43 -16.82 -27.56
N LYS A 310 9.43 -16.83 -27.56
CA LYS A 310 9.08 -15.49 -27.06
CA LYS A 310 9.07 -15.50 -27.05
C LYS A 310 10.32 -14.76 -26.56
C LYS A 310 10.30 -14.76 -26.55
N LEU A 311 11.23 -15.47 -25.90
CA LEU A 311 12.47 -14.84 -25.44
C LEU A 311 13.28 -14.32 -26.61
N GLU A 312 13.35 -15.09 -27.70
CA GLU A 312 14.06 -14.62 -28.89
C GLU A 312 13.43 -13.36 -29.45
N GLN A 313 12.10 -13.31 -29.47
CA GLN A 313 11.41 -12.10 -29.92
C GLN A 313 11.78 -10.90 -29.06
N LEU A 314 11.95 -11.11 -27.76
CA LEU A 314 12.22 -10.00 -26.86
C LEU A 314 13.61 -9.40 -27.06
N GLN A 315 14.49 -10.04 -27.80
CA GLN A 315 15.79 -9.45 -28.05
C GLN A 315 15.71 -8.17 -28.87
N SER A 316 14.58 -7.91 -29.54
CA SER A 316 14.37 -6.66 -30.26
C SER A 316 13.41 -5.72 -29.54
N HIS A 317 13.10 -5.98 -28.28
CA HIS A 317 12.24 -5.10 -27.51
C HIS A 317 12.92 -3.74 -27.31
N GLU A 318 12.13 -2.67 -27.32
CA GLU A 318 12.71 -1.33 -27.17
C GLU A 318 13.28 -1.12 -25.77
N ASN A 319 12.76 -1.83 -24.77
CA ASN A 319 13.21 -1.70 -23.39
C ASN A 319 14.50 -2.50 -23.21
N GLU A 320 15.61 -1.80 -22.97
CA GLU A 320 16.91 -2.48 -22.93
C GLU A 320 17.07 -3.35 -21.69
N LYS A 321 16.35 -3.07 -20.61
CA LYS A 321 16.38 -3.96 -19.45
C LYS A 321 15.76 -5.31 -19.81
N ILE A 322 14.62 -5.28 -20.53
CA ILE A 322 13.98 -6.51 -20.98
C ILE A 322 14.88 -7.25 -21.96
N GLN A 323 15.51 -6.53 -22.89
CA GLN A 323 16.40 -7.19 -23.83
C GLN A 323 17.48 -7.97 -23.10
N LYS A 324 18.11 -7.35 -22.10
N LYS A 324 18.10 -7.35 -22.08
CA LYS A 324 19.20 -8.01 -21.38
CA LYS A 324 19.19 -8.01 -21.39
C LYS A 324 18.69 -9.20 -20.59
C LYS A 324 18.72 -9.20 -20.57
N GLU A 325 17.56 -9.05 -19.90
CA GLU A 325 17.01 -10.18 -19.15
C GLU A 325 16.68 -11.33 -20.09
N ALA A 326 16.13 -11.02 -21.26
CA ALA A 326 15.78 -12.06 -22.21
C ALA A 326 17.02 -12.80 -22.72
N GLN A 327 18.08 -12.06 -23.05
CA GLN A 327 19.31 -12.69 -23.50
C GLN A 327 19.89 -13.59 -22.42
N GLU A 328 19.89 -13.12 -21.17
CA GLU A 328 20.42 -13.94 -20.07
C GLU A 328 19.59 -15.20 -19.86
N ALA A 329 18.26 -15.07 -19.95
CA ALA A 329 17.41 -16.23 -19.79
C ALA A 329 17.68 -17.25 -20.90
N LEU A 330 17.86 -16.78 -22.13
CA LEU A 330 18.14 -17.67 -23.24
C LEU A 330 19.49 -18.36 -23.05
N GLU A 331 20.50 -17.62 -22.59
CA GLU A 331 21.81 -18.22 -22.35
C GLU A 331 21.73 -19.25 -21.23
N LYS A 332 20.96 -18.96 -20.19
CA LYS A 332 20.75 -19.96 -19.14
C LYS A 332 20.18 -21.24 -19.72
N LEU A 333 19.21 -21.12 -20.62
CA LEU A 333 18.49 -22.28 -21.13
C LEU A 333 19.26 -23.04 -22.19
N GLN A 334 20.22 -22.39 -22.86
CA GLN A 334 20.84 -22.96 -24.06
C GLN A 334 22.34 -23.14 -23.96
N SER A 335 23.08 -22.16 -23.41
CA SER A 335 24.54 -22.12 -23.56
C SER A 335 25.26 -21.91 -22.23
N HIS A 336 24.68 -22.41 -21.14
CA HIS A 336 25.31 -22.39 -19.83
C HIS A 336 25.79 -21.00 -19.42
N GLY A 337 25.08 -19.96 -19.86
CA GLY A 337 25.41 -18.61 -19.46
C GLY A 337 24.62 -18.20 -18.23
N GLY A 338 24.73 -18.98 -17.16
CA GLY A 338 23.86 -18.82 -16.02
C GLY A 338 24.37 -17.89 -14.94
N SER A 339 25.26 -16.96 -15.29
CA SER A 339 25.65 -15.91 -14.36
C SER A 339 24.60 -14.82 -14.23
N GLY A 340 23.47 -14.95 -14.93
CA GLY A 340 22.38 -13.99 -14.79
C GLY A 340 21.88 -13.83 -13.38
N GLY A 341 22.25 -14.72 -12.47
CA GLY A 341 21.90 -14.59 -11.07
C GLY A 341 20.41 -14.74 -10.81
N LYS A 342 20.05 -14.89 -9.54
CA LYS A 342 18.66 -15.03 -9.14
C LYS A 342 18.04 -13.66 -8.92
N ALA A 343 16.94 -13.39 -9.61
CA ALA A 343 16.18 -12.18 -9.33
C ALA A 343 15.46 -12.33 -8.00
N LYS A 344 15.34 -11.21 -7.28
CA LYS A 344 14.70 -11.22 -5.97
C LYS A 344 14.12 -9.84 -5.71
N TYR A 345 12.94 -9.81 -5.08
CA TYR A 345 12.26 -8.57 -4.71
C TYR A 345 12.26 -8.49 -3.19
N LYS A 346 13.11 -7.63 -2.64
CA LYS A 346 13.27 -7.52 -1.20
C LYS A 346 12.49 -6.35 -0.65
#